data_5JPE
#
_entry.id   5JPE
#
_cell.length_a   144.975
_cell.length_b   183.727
_cell.length_c   69.038
_cell.angle_alpha   90.000
_cell.angle_beta   90.000
_cell.angle_gamma   90.000
#
_symmetry.space_group_name_H-M   'C 2 2 21'
#
loop_
_entity.id
_entity.type
_entity.pdbx_description
1 polymer 'Serine/threonine-protein phosphatase'
2 non-polymer 'CITRATE ANION'
3 non-polymer GLYCEROL
4 water water
#
_entity_poly.entity_id   1
_entity_poly.type   'polypeptide(L)'
_entity_poly.pdbx_seq_one_letter_code
;GHMIDIDSLIDKLLNAGFSGKRTKNVCLKNTEIELICASAREIFLSQPSLLELAPPVKVVGDVHGQYHDLIRIFSKCGFP
PKTNYLFLGDYVNRGKQSLETILLLLCYKIKYPENFFLLRGNHECANVTRVYGFYDECKRRCNIKTWKLFIDTFNTLPIA
AIVAGKIFCVHGGLSPVLNSMDEIRNIARPTDVPDFGLLNDLLWSDPADTINEWEDNERGVSYVFSKVAINKFLSKFNFD
LVCRAHMVVEDGYEFFNDRTLVTVFSAPNYCGEFDNWGAVMGVSEDLLCSFELLDPLDSAALKQVMKKEKQ
;
_entity_poly.pdbx_strand_id   A,B
#
# COMPACT_ATOMS: atom_id res chain seq x y z
N HIS A 2 -8.51 39.76 -10.08
CA HIS A 2 -7.09 39.92 -9.80
C HIS A 2 -6.33 38.63 -10.07
N MET A 3 -5.17 38.75 -10.71
CA MET A 3 -4.41 37.59 -11.14
C MET A 3 -3.57 36.98 -10.02
N ILE A 4 -3.20 35.72 -10.20
CA ILE A 4 -2.53 34.94 -9.16
C ILE A 4 -1.16 35.50 -8.79
N ASP A 5 -0.98 35.78 -7.51
CA ASP A 5 0.30 36.25 -6.99
C ASP A 5 1.16 35.03 -6.66
N ILE A 6 1.72 34.43 -7.70
CA ILE A 6 2.48 33.20 -7.57
C ILE A 6 3.76 33.37 -6.73
N ASP A 7 4.32 34.58 -6.71
CA ASP A 7 5.52 34.83 -5.90
C ASP A 7 5.19 34.78 -4.41
N SER A 8 4.06 35.38 -4.04
CA SER A 8 3.65 35.43 -2.63
C SER A 8 3.22 34.06 -2.11
N LEU A 9 2.62 33.25 -2.97
CA LEU A 9 2.20 31.91 -2.60
C LEU A 9 3.40 30.98 -2.37
N ILE A 10 4.38 31.05 -3.26
CA ILE A 10 5.59 30.22 -3.13
C ILE A 10 6.35 30.60 -1.87
N ASP A 11 6.41 31.89 -1.57
CA ASP A 11 7.12 32.38 -0.39
C ASP A 11 6.53 31.82 0.90
N LYS A 12 5.20 31.88 1.01
CA LYS A 12 4.51 31.33 2.18
C LYS A 12 4.80 29.85 2.33
N LEU A 13 4.78 29.13 1.21
CA LEU A 13 5.03 27.69 1.19
C LEU A 13 6.46 27.37 1.64
N LEU A 14 7.43 28.09 1.07
CA LEU A 14 8.83 27.89 1.43
C LEU A 14 9.08 28.23 2.90
N ASN A 15 8.48 29.33 3.36
CA ASN A 15 8.60 29.73 4.76
C ASN A 15 8.04 28.66 5.70
N ALA A 16 6.91 28.08 5.33
CA ALA A 16 6.28 27.02 6.12
C ALA A 16 7.21 25.81 6.26
N GLY A 17 7.91 25.49 5.18
CA GLY A 17 8.84 24.38 5.18
C GLY A 17 10.08 24.65 6.01
N PHE A 18 10.61 25.87 5.89
CA PHE A 18 11.84 26.25 6.57
C PHE A 18 11.64 26.41 8.06
N SER A 19 10.39 26.57 8.48
CA SER A 19 10.07 26.65 9.90
C SER A 19 10.31 25.31 10.58
N GLY A 20 10.15 24.24 9.81
CA GLY A 20 10.26 22.89 10.35
C GLY A 20 9.01 22.51 11.12
N LYS A 21 8.06 23.43 11.15
CA LYS A 21 6.85 23.27 11.96
C LYS A 21 5.67 22.75 11.16
N ARG A 22 4.91 21.84 11.77
CA ARG A 22 3.64 21.39 11.22
C ARG A 22 2.49 22.17 11.84
N THR A 23 1.64 22.72 10.99
CA THR A 23 0.45 23.42 11.47
C THR A 23 -0.80 22.78 10.89
N LYS A 24 -1.90 22.78 11.64
CA LYS A 24 -3.13 22.18 11.17
C LYS A 24 -3.68 23.00 10.00
N ASN A 25 -3.61 24.31 10.13
CA ASN A 25 -4.01 25.19 9.03
C ASN A 25 -2.89 25.29 8.00
N VAL A 26 -3.24 25.09 6.73
CA VAL A 26 -2.29 25.27 5.65
C VAL A 26 -2.00 26.76 5.51
N CYS A 27 -0.75 27.11 5.24
CA CYS A 27 -0.35 28.50 5.12
C CYS A 27 -1.06 29.25 3.99
N LEU A 28 -1.83 28.52 3.19
CA LEU A 28 -2.61 29.13 2.11
C LEU A 28 -4.11 28.92 2.31
N LYS A 29 -4.88 29.95 1.96
CA LYS A 29 -6.33 29.90 2.07
C LYS A 29 -6.91 28.96 1.01
N ASN A 30 -8.06 28.35 1.31
CA ASN A 30 -8.71 27.45 0.36
C ASN A 30 -9.04 28.11 -0.97
N THR A 31 -9.26 29.42 -0.95
CA THR A 31 -9.47 30.18 -2.18
C THR A 31 -8.19 30.22 -2.99
N GLU A 32 -7.06 30.31 -2.30
CA GLU A 32 -5.76 30.32 -2.95
C GLU A 32 -5.44 28.93 -3.48
N ILE A 33 -5.74 27.91 -2.68
CA ILE A 33 -5.59 26.53 -3.10
C ILE A 33 -6.43 26.26 -4.35
N GLU A 34 -7.64 26.82 -4.35
CA GLU A 34 -8.55 26.68 -5.49
C GLU A 34 -7.96 27.30 -6.76
N LEU A 35 -7.39 28.49 -6.61
CA LEU A 35 -6.81 29.20 -7.74
C LEU A 35 -5.60 28.47 -8.30
N ILE A 36 -4.75 27.96 -7.41
CA ILE A 36 -3.57 27.19 -7.82
C ILE A 36 -3.95 25.97 -8.65
N CYS A 37 -4.94 25.22 -8.19
CA CYS A 37 -5.38 24.02 -8.90
C CYS A 37 -5.95 24.33 -10.27
N ALA A 38 -6.66 25.46 -10.37
CA ALA A 38 -7.25 25.85 -11.64
C ALA A 38 -6.19 26.28 -12.65
N SER A 39 -5.21 27.04 -12.16
CA SER A 39 -4.12 27.51 -12.99
C SER A 39 -3.25 26.36 -13.48
N ALA A 40 -2.98 25.42 -12.60
CA ALA A 40 -2.14 24.27 -12.92
C ALA A 40 -2.87 23.37 -13.92
N ARG A 41 -4.17 23.19 -13.70
CA ARG A 41 -5.02 22.38 -14.56
C ARG A 41 -5.01 22.91 -16.00
N GLU A 42 -5.08 24.23 -16.13
CA GLU A 42 -5.05 24.89 -17.43
C GLU A 42 -3.77 24.54 -18.19
N ILE A 43 -2.65 24.58 -17.49
CA ILE A 43 -1.35 24.29 -18.08
C ILE A 43 -1.22 22.82 -18.47
N PHE A 44 -1.63 21.92 -17.57
CA PHE A 44 -1.57 20.49 -17.82
C PHE A 44 -2.34 20.11 -19.09
N LEU A 45 -3.55 20.62 -19.23
CA LEU A 45 -4.38 20.32 -20.38
C LEU A 45 -3.86 20.94 -21.67
N SER A 46 -3.09 22.03 -21.54
CA SER A 46 -2.54 22.70 -22.71
C SER A 46 -1.27 22.02 -23.22
N GLN A 47 -0.50 21.47 -22.30
CA GLN A 47 0.70 20.71 -22.67
C GLN A 47 0.34 19.26 -22.99
N PRO A 48 1.19 18.58 -23.77
CA PRO A 48 0.82 17.23 -24.25
C PRO A 48 0.77 16.17 -23.15
N SER A 49 0.07 15.07 -23.45
CA SER A 49 -0.04 13.94 -22.54
C SER A 49 1.31 13.23 -22.43
N LEU A 50 2.09 13.34 -23.50
CA LEU A 50 3.43 12.78 -23.54
C LEU A 50 4.44 13.90 -23.72
N LEU A 51 5.08 14.29 -22.63
CA LEU A 51 6.03 15.39 -22.66
C LEU A 51 7.31 15.00 -23.41
N GLU A 52 7.84 15.92 -24.19
CA GLU A 52 9.09 15.70 -24.88
C GLU A 52 10.07 16.80 -24.50
N LEU A 53 11.01 16.46 -23.63
CA LEU A 53 11.85 17.46 -22.99
C LEU A 53 13.28 17.40 -23.49
N ALA A 54 13.92 18.56 -23.58
CA ALA A 54 15.32 18.62 -23.96
C ALA A 54 16.18 18.75 -22.71
N PRO A 55 17.33 18.07 -22.70
CA PRO A 55 18.28 18.13 -21.58
C PRO A 55 18.99 19.49 -21.53
N PRO A 56 19.58 19.85 -20.37
CA PRO A 56 19.65 19.05 -19.13
C PRO A 56 18.36 19.10 -18.31
N VAL A 57 18.18 18.10 -17.45
CA VAL A 57 17.02 18.00 -16.59
C VAL A 57 17.33 17.03 -15.45
N LYS A 58 16.72 17.26 -14.28
CA LYS A 58 16.88 16.34 -13.17
C LYS A 58 15.56 15.61 -12.90
N VAL A 59 15.64 14.30 -12.73
CA VAL A 59 14.45 13.46 -12.59
C VAL A 59 14.24 13.02 -11.14
N VAL A 60 13.05 13.28 -10.61
CA VAL A 60 12.73 12.96 -9.23
C VAL A 60 11.64 11.90 -9.14
N GLY A 61 11.89 10.87 -8.33
CA GLY A 61 10.91 9.83 -8.08
C GLY A 61 9.93 10.24 -7.00
N ASP A 62 9.40 9.26 -6.26
CA ASP A 62 8.38 9.51 -5.25
C ASP A 62 8.83 10.50 -4.18
N VAL A 63 7.90 11.34 -3.76
CA VAL A 63 8.17 12.29 -2.68
C VAL A 63 7.23 11.99 -1.51
N HIS A 64 6.02 11.56 -1.85
CA HIS A 64 5.02 11.13 -0.88
C HIS A 64 4.88 12.00 0.36
N GLY A 65 4.59 13.29 0.15
CA GLY A 65 4.27 14.18 1.26
C GLY A 65 5.42 14.52 2.19
N GLN A 66 6.61 14.01 1.90
CA GLN A 66 7.77 14.26 2.74
C GLN A 66 8.36 15.62 2.39
N TYR A 67 7.68 16.67 2.85
CA TYR A 67 7.90 18.04 2.38
C TYR A 67 9.29 18.59 2.70
N HIS A 68 9.78 18.30 3.91
CA HIS A 68 11.12 18.75 4.31
C HIS A 68 12.20 18.13 3.41
N ASP A 69 11.99 16.88 3.02
CA ASP A 69 12.92 16.21 2.10
C ASP A 69 12.86 16.82 0.71
N LEU A 70 11.67 17.28 0.30
CA LEU A 70 11.50 17.95 -0.98
C LEU A 70 12.32 19.24 -1.03
N ILE A 71 12.34 19.95 0.09
CA ILE A 71 13.11 21.17 0.21
C ILE A 71 14.61 20.85 0.21
N ARG A 72 14.98 19.75 0.86
CA ARG A 72 16.35 19.25 0.78
C ARG A 72 16.77 18.99 -0.65
N ILE A 73 15.85 18.41 -1.43
CA ILE A 73 16.12 18.12 -2.83
C ILE A 73 16.41 19.40 -3.62
N PHE A 74 15.56 20.40 -3.44
CA PHE A 74 15.73 21.67 -4.15
C PHE A 74 16.99 22.40 -3.69
N SER A 75 17.31 22.29 -2.40
CA SER A 75 18.52 22.90 -1.86
C SER A 75 19.78 22.26 -2.41
N LYS A 76 19.77 20.92 -2.50
CA LYS A 76 20.94 20.17 -2.93
C LYS A 76 21.09 20.12 -4.44
N CYS A 77 19.96 20.02 -5.15
CA CYS A 77 19.99 19.82 -6.60
C CYS A 77 19.72 21.11 -7.37
N GLY A 78 19.40 22.18 -6.66
CA GLY A 78 19.11 23.46 -7.28
C GLY A 78 17.62 23.79 -7.39
N PHE A 79 17.28 25.00 -6.97
CA PHE A 79 15.91 25.50 -7.10
C PHE A 79 15.57 25.87 -8.54
N PRO A 80 14.29 25.68 -8.92
CA PRO A 80 13.76 26.18 -10.19
C PRO A 80 13.90 27.71 -10.28
N PRO A 81 14.08 28.25 -11.50
CA PRO A 81 14.10 27.48 -12.76
C PRO A 81 15.50 27.20 -13.31
N LYS A 82 16.55 27.53 -12.57
CA LYS A 82 17.91 27.28 -13.05
C LYS A 82 18.17 25.79 -13.21
N THR A 83 17.51 24.98 -12.38
CA THR A 83 17.55 23.55 -12.59
C THR A 83 16.20 23.11 -13.14
N ASN A 84 16.23 22.40 -14.27
CA ASN A 84 15.02 21.85 -14.88
C ASN A 84 14.60 20.54 -14.23
N TYR A 85 13.32 20.41 -13.92
CA TYR A 85 12.84 19.23 -13.22
C TYR A 85 11.77 18.44 -13.98
N LEU A 86 11.85 17.12 -13.84
CA LEU A 86 10.78 16.22 -14.21
C LEU A 86 10.46 15.30 -13.04
N PHE A 87 9.24 15.40 -12.52
CA PHE A 87 8.82 14.54 -11.42
C PHE A 87 8.01 13.36 -11.95
N LEU A 88 8.20 12.20 -11.35
CA LEU A 88 7.60 10.97 -11.86
C LEU A 88 6.29 10.61 -11.17
N GLY A 89 5.80 11.48 -10.29
CA GLY A 89 4.52 11.25 -9.64
C GLY A 89 4.60 10.83 -8.19
N ASP A 90 3.43 10.47 -7.63
CA ASP A 90 3.30 10.08 -6.23
C ASP A 90 3.79 11.18 -5.29
N TYR A 91 3.05 12.29 -5.30
CA TYR A 91 3.40 13.47 -4.52
C TYR A 91 2.75 13.47 -3.14
N VAL A 92 1.67 12.73 -2.99
CA VAL A 92 0.88 12.76 -1.76
C VAL A 92 0.78 11.39 -1.12
N ASN A 93 0.10 11.34 0.04
CA ASN A 93 -0.12 10.11 0.83
C ASN A 93 1.13 9.71 1.62
N ARG A 94 0.89 8.94 2.68
CA ARG A 94 1.94 8.41 3.56
C ARG A 94 2.68 9.47 4.38
N GLY A 95 3.21 10.48 3.70
CA GLY A 95 3.99 11.51 4.38
C GLY A 95 3.17 12.42 5.28
N LYS A 96 3.87 13.29 6.01
CA LYS A 96 3.23 14.14 7.01
C LYS A 96 2.65 15.44 6.42
N GLN A 97 3.24 15.92 5.33
CA GLN A 97 2.83 17.20 4.76
C GLN A 97 2.53 17.11 3.27
N SER A 98 1.53 16.30 2.92
CA SER A 98 1.14 16.13 1.53
C SER A 98 0.66 17.42 0.88
N LEU A 99 -0.04 18.25 1.65
CA LEU A 99 -0.62 19.48 1.12
C LEU A 99 0.45 20.49 0.72
N GLU A 100 1.37 20.78 1.64
CA GLU A 100 2.49 21.68 1.36
C GLU A 100 3.27 21.20 0.14
N THR A 101 3.52 19.89 0.10
CA THR A 101 4.27 19.26 -0.98
C THR A 101 3.65 19.49 -2.36
N ILE A 102 2.41 19.05 -2.54
CA ILE A 102 1.74 19.15 -3.83
C ILE A 102 1.54 20.62 -4.23
N LEU A 103 1.27 21.48 -3.24
CA LEU A 103 1.02 22.89 -3.52
C LEU A 103 2.27 23.59 -4.05
N LEU A 104 3.42 23.28 -3.46
CA LEU A 104 4.67 23.90 -3.89
C LEU A 104 5.03 23.44 -5.30
N LEU A 105 4.82 22.16 -5.57
CA LEU A 105 5.08 21.59 -6.88
C LEU A 105 4.18 22.21 -7.94
N LEU A 106 2.91 22.41 -7.59
CA LEU A 106 1.95 23.02 -8.52
C LEU A 106 2.30 24.48 -8.80
N CYS A 107 2.68 25.21 -7.75
CA CYS A 107 3.08 26.60 -7.87
C CYS A 107 4.29 26.78 -8.79
N TYR A 108 5.27 25.90 -8.64
CA TYR A 108 6.45 25.93 -9.51
C TYR A 108 6.07 25.62 -10.96
N LYS A 109 5.12 24.70 -11.13
CA LYS A 109 4.60 24.36 -12.46
C LYS A 109 3.94 25.59 -13.08
N ILE A 110 3.24 26.36 -12.26
CA ILE A 110 2.57 27.57 -12.72
C ILE A 110 3.58 28.65 -13.10
N LYS A 111 4.54 28.90 -12.22
CA LYS A 111 5.53 29.95 -12.45
C LYS A 111 6.49 29.62 -13.58
N TYR A 112 6.90 28.36 -13.69
CA TYR A 112 7.87 27.95 -14.71
C TYR A 112 7.36 26.79 -15.54
N PRO A 113 6.31 27.02 -16.34
CA PRO A 113 5.61 25.96 -17.09
C PRO A 113 6.48 25.22 -18.11
N GLU A 114 7.63 25.77 -18.48
CA GLU A 114 8.44 25.17 -19.53
C GLU A 114 9.77 24.65 -18.99
N ASN A 115 9.95 24.78 -17.67
CA ASN A 115 11.17 24.32 -17.02
C ASN A 115 10.87 23.36 -15.89
N PHE A 116 9.58 23.15 -15.62
CA PHE A 116 9.15 22.35 -14.48
C PHE A 116 8.03 21.41 -14.91
N PHE A 117 8.15 20.14 -14.59
CA PHE A 117 7.21 19.15 -15.11
C PHE A 117 6.83 18.08 -14.08
N LEU A 118 5.56 17.73 -14.06
CA LEU A 118 5.03 16.74 -13.11
C LEU A 118 4.24 15.65 -13.84
N LEU A 119 4.64 14.40 -13.65
CA LEU A 119 3.90 13.28 -14.21
C LEU A 119 2.89 12.74 -13.20
N ARG A 120 1.97 11.93 -13.67
CA ARG A 120 0.98 11.29 -12.80
C ARG A 120 1.54 9.99 -12.22
N GLY A 121 1.42 9.83 -10.90
CA GLY A 121 1.74 8.58 -10.25
C GLY A 121 0.47 7.82 -9.93
N ASN A 122 0.62 6.57 -9.50
CA ASN A 122 -0.54 5.75 -9.16
C ASN A 122 -1.31 6.30 -7.97
N HIS A 123 -0.65 7.09 -7.14
CA HIS A 123 -1.27 7.64 -5.95
C HIS A 123 -2.12 8.88 -6.25
N GLU A 124 -1.91 9.49 -7.41
CA GLU A 124 -2.69 10.67 -7.79
C GLU A 124 -4.05 10.28 -8.37
N CYS A 125 -4.92 9.77 -7.52
CA CYS A 125 -6.28 9.40 -7.91
C CYS A 125 -7.15 9.30 -6.67
N ALA A 126 -8.46 9.32 -6.86
CA ALA A 126 -9.40 9.32 -5.75
C ALA A 126 -9.30 8.04 -4.91
N ASN A 127 -9.19 6.91 -5.57
CA ASN A 127 -9.14 5.61 -4.90
C ASN A 127 -8.01 5.48 -3.87
N VAL A 128 -6.80 5.84 -4.27
CA VAL A 128 -5.63 5.65 -3.43
C VAL A 128 -5.52 6.70 -2.32
N THR A 129 -5.87 7.94 -2.65
CA THR A 129 -5.81 9.02 -1.66
C THR A 129 -6.83 8.84 -0.55
N ARG A 130 -7.87 8.05 -0.81
CA ARG A 130 -8.88 7.73 0.19
C ARG A 130 -8.29 6.83 1.26
N VAL A 131 -7.29 6.05 0.89
CA VAL A 131 -6.73 5.04 1.78
C VAL A 131 -5.53 5.52 2.57
N TYR A 132 -4.59 6.20 1.91
CA TYR A 132 -3.29 6.43 2.52
C TYR A 132 -3.02 7.86 3.01
N GLY A 133 -4.07 8.61 3.33
CA GLY A 133 -3.88 9.83 4.10
C GLY A 133 -4.34 11.16 3.52
N PHE A 134 -4.21 11.33 2.20
CA PHE A 134 -4.42 12.64 1.61
C PHE A 134 -5.87 13.10 1.70
N TYR A 135 -6.81 12.18 1.56
CA TYR A 135 -8.23 12.50 1.69
C TYR A 135 -8.51 12.97 3.10
N ASP A 136 -7.96 12.24 4.07
CA ASP A 136 -8.14 12.57 5.48
C ASP A 136 -7.45 13.89 5.82
N GLU A 137 -6.29 14.14 5.22
CA GLU A 137 -5.56 15.38 5.47
C GLU A 137 -6.33 16.57 4.89
N CYS A 138 -6.87 16.39 3.69
CA CYS A 138 -7.70 17.42 3.07
C CYS A 138 -8.92 17.72 3.94
N LYS A 139 -9.61 16.69 4.39
CA LYS A 139 -10.79 16.85 5.22
C LYS A 139 -10.48 17.50 6.56
N ARG A 140 -9.32 17.16 7.11
CA ARG A 140 -8.95 17.61 8.45
C ARG A 140 -8.37 19.02 8.45
N ARG A 141 -7.56 19.33 7.45
CA ARG A 141 -6.88 20.63 7.39
C ARG A 141 -7.61 21.65 6.52
N CYS A 142 -8.36 21.15 5.55
CA CYS A 142 -9.15 22.00 4.66
C CYS A 142 -10.59 21.51 4.66
N ASN A 143 -11.05 21.02 3.51
CA ASN A 143 -12.34 20.34 3.43
C ASN A 143 -12.38 19.32 2.31
N ILE A 144 -13.51 18.64 2.16
CA ILE A 144 -13.67 17.61 1.15
C ILE A 144 -13.75 18.25 -0.23
N LYS A 145 -14.30 19.45 -0.26
CA LYS A 145 -14.41 20.21 -1.50
C LYS A 145 -13.02 20.50 -2.07
N THR A 146 -12.07 20.77 -1.18
CA THR A 146 -10.69 21.00 -1.55
C THR A 146 -10.06 19.73 -2.13
N TRP A 147 -10.32 18.60 -1.47
CA TRP A 147 -9.85 17.30 -1.94
C TRP A 147 -10.32 17.01 -3.36
N LYS A 148 -11.60 17.26 -3.62
CA LYS A 148 -12.18 17.04 -4.94
C LYS A 148 -11.49 17.90 -6.00
N LEU A 149 -11.10 19.10 -5.62
CA LEU A 149 -10.39 20.00 -6.52
C LEU A 149 -9.03 19.43 -6.92
N PHE A 150 -8.32 18.86 -5.94
CA PHE A 150 -7.06 18.20 -6.21
C PHE A 150 -7.21 16.99 -7.13
N ILE A 151 -8.26 16.20 -6.90
CA ILE A 151 -8.54 15.04 -7.75
C ILE A 151 -8.83 15.47 -9.18
N ASP A 152 -9.60 16.54 -9.31
CA ASP A 152 -9.86 17.14 -10.62
C ASP A 152 -8.55 17.53 -11.30
N THR A 153 -7.59 17.98 -10.49
CA THR A 153 -6.30 18.41 -10.98
C THR A 153 -5.42 17.21 -11.31
N PHE A 154 -5.41 16.22 -10.42
CA PHE A 154 -4.68 14.98 -10.65
C PHE A 154 -5.09 14.31 -11.96
N ASN A 155 -6.39 14.37 -12.26
CA ASN A 155 -6.93 13.75 -13.46
C ASN A 155 -6.43 14.35 -14.77
N THR A 156 -5.78 15.51 -14.70
CA THR A 156 -5.30 16.20 -15.89
C THR A 156 -3.78 16.09 -16.09
N LEU A 157 -3.11 15.46 -15.13
CA LEU A 157 -1.65 15.28 -15.20
C LEU A 157 -1.24 14.48 -16.44
N PRO A 158 -0.08 14.85 -17.03
CA PRO A 158 0.46 14.08 -18.16
C PRO A 158 0.97 12.72 -17.70
N ILE A 159 1.10 11.77 -18.61
CA ILE A 159 1.33 10.39 -18.24
C ILE A 159 2.78 9.95 -18.40
N ALA A 160 3.45 10.45 -19.43
CA ALA A 160 4.82 10.03 -19.71
C ALA A 160 5.65 11.15 -20.30
N ALA A 161 6.97 10.97 -20.27
CA ALA A 161 7.88 11.94 -20.86
C ALA A 161 9.04 11.24 -21.57
N ILE A 162 9.48 11.82 -22.69
CA ILE A 162 10.68 11.37 -23.36
C ILE A 162 11.77 12.43 -23.27
N VAL A 163 12.92 12.06 -22.68
CA VAL A 163 14.02 12.99 -22.55
C VAL A 163 15.05 12.77 -23.67
N ALA A 164 15.27 13.82 -24.47
CA ALA A 164 16.24 13.81 -25.55
C ALA A 164 16.02 12.66 -26.54
N GLY A 165 14.76 12.24 -26.69
CA GLY A 165 14.41 11.19 -27.64
C GLY A 165 14.90 9.80 -27.26
N LYS A 166 15.52 9.67 -26.09
CA LYS A 166 16.21 8.43 -25.74
C LYS A 166 15.83 7.84 -24.38
N ILE A 167 15.38 8.69 -23.47
CA ILE A 167 14.99 8.22 -22.14
C ILE A 167 13.47 8.29 -21.96
N PHE A 168 12.85 7.13 -21.83
CA PHE A 168 11.41 7.05 -21.64
C PHE A 168 11.06 7.14 -20.16
N CYS A 169 10.31 8.17 -19.78
CA CYS A 169 9.98 8.40 -18.39
C CYS A 169 8.50 8.19 -18.10
N VAL A 170 8.22 7.35 -17.11
CA VAL A 170 6.86 7.02 -16.71
C VAL A 170 6.94 6.65 -15.23
N HIS A 171 5.83 6.70 -14.51
CA HIS A 171 5.88 6.38 -13.08
C HIS A 171 6.05 4.89 -12.81
N GLY A 172 5.17 4.08 -13.37
CA GLY A 172 5.17 2.66 -13.09
C GLY A 172 6.05 1.86 -14.04
N GLY A 173 5.64 1.79 -15.30
CA GLY A 173 6.39 1.04 -16.29
C GLY A 173 5.68 0.85 -17.61
N LEU A 174 5.97 -0.28 -18.25
CA LEU A 174 5.49 -0.56 -19.60
C LEU A 174 4.08 -1.15 -19.61
N SER A 175 3.53 -1.31 -20.81
CA SER A 175 2.20 -1.89 -20.97
C SER A 175 2.19 -2.92 -22.10
N PRO A 176 1.40 -4.00 -21.94
CA PRO A 176 1.24 -5.00 -22.98
C PRO A 176 0.36 -4.51 -24.12
N VAL A 177 -0.31 -3.38 -23.92
CA VAL A 177 -1.16 -2.80 -24.96
C VAL A 177 -0.64 -1.44 -25.43
N LEU A 178 0.65 -1.22 -25.26
CA LEU A 178 1.28 0.00 -25.74
C LEU A 178 1.87 -0.21 -27.14
N ASN A 179 1.14 0.22 -28.16
CA ASN A 179 1.53 -0.02 -29.54
C ASN A 179 2.32 1.14 -30.14
N SER A 180 2.03 2.35 -29.67
CA SER A 180 2.71 3.54 -30.18
C SER A 180 2.73 4.67 -29.16
N MET A 181 3.63 5.63 -29.36
CA MET A 181 3.69 6.80 -28.50
C MET A 181 2.45 7.68 -28.66
N ASP A 182 1.81 7.58 -29.82
CA ASP A 182 0.62 8.36 -30.10
C ASP A 182 -0.55 7.93 -29.20
N GLU A 183 -0.47 6.70 -28.70
CA GLU A 183 -1.52 6.18 -27.82
C GLU A 183 -1.46 6.87 -26.46
N ILE A 184 -0.24 7.22 -26.04
CA ILE A 184 -0.06 8.00 -24.82
C ILE A 184 -0.47 9.44 -25.07
N ARG A 185 -0.09 9.97 -26.22
CA ARG A 185 -0.46 11.33 -26.63
C ARG A 185 -1.98 11.51 -26.68
N ASN A 186 -2.69 10.44 -27.00
CA ASN A 186 -4.13 10.51 -27.21
C ASN A 186 -4.96 10.06 -26.01
N ILE A 187 -4.32 9.92 -24.85
CA ILE A 187 -5.06 9.66 -23.63
C ILE A 187 -5.91 10.88 -23.29
N ALA A 188 -7.23 10.67 -23.27
CA ALA A 188 -8.17 11.77 -23.03
C ALA A 188 -8.10 12.25 -21.58
N ARG A 189 -8.01 13.56 -21.42
CA ARG A 189 -7.99 14.17 -20.09
C ARG A 189 -9.08 15.23 -19.97
N PRO A 190 -9.65 15.40 -18.77
CA PRO A 190 -9.32 14.69 -17.52
C PRO A 190 -9.83 13.25 -17.50
N THR A 191 -9.17 12.42 -16.71
CA THR A 191 -9.60 11.04 -16.53
C THR A 191 -9.21 10.48 -15.17
N ASP A 192 -10.07 9.64 -14.62
CA ASP A 192 -9.70 8.85 -13.45
C ASP A 192 -8.78 7.73 -13.92
N VAL A 193 -8.11 7.06 -12.99
CA VAL A 193 -7.31 5.90 -13.36
C VAL A 193 -8.22 4.69 -13.52
N PRO A 194 -8.26 4.12 -14.74
CA PRO A 194 -9.11 2.96 -15.00
C PRO A 194 -8.59 1.71 -14.30
N ASP A 195 -9.47 0.71 -14.16
CA ASP A 195 -9.10 -0.52 -13.48
C ASP A 195 -8.26 -1.41 -14.39
N PHE A 196 -8.22 -1.05 -15.67
CA PHE A 196 -7.53 -1.84 -16.66
C PHE A 196 -7.02 -0.93 -17.77
N GLY A 197 -6.22 -1.47 -18.69
CA GLY A 197 -5.81 -0.73 -19.86
C GLY A 197 -4.47 -0.02 -19.76
N LEU A 198 -4.18 0.76 -20.80
CA LEU A 198 -2.91 1.45 -20.95
C LEU A 198 -2.50 2.28 -19.72
N LEU A 199 -3.39 3.19 -19.31
CA LEU A 199 -3.08 4.11 -18.21
C LEU A 199 -2.89 3.36 -16.90
N ASN A 200 -3.70 2.34 -16.67
CA ASN A 200 -3.57 1.50 -15.49
C ASN A 200 -2.19 0.83 -15.43
N ASP A 201 -1.75 0.28 -16.56
CA ASP A 201 -0.47 -0.39 -16.66
C ASP A 201 0.70 0.57 -16.43
N LEU A 202 0.67 1.70 -17.13
CA LEU A 202 1.74 2.69 -17.05
C LEU A 202 2.00 3.19 -15.63
N LEU A 203 0.98 3.14 -14.78
CA LEU A 203 1.11 3.63 -13.41
C LEU A 203 1.37 2.52 -12.40
N TRP A 204 1.06 1.28 -12.76
CA TRP A 204 1.10 0.19 -11.79
C TRP A 204 2.02 -0.99 -12.10
N SER A 205 2.54 -1.06 -13.32
CA SER A 205 3.36 -2.20 -13.70
C SER A 205 4.74 -2.16 -13.04
N ASP A 206 5.33 -3.33 -12.84
CA ASP A 206 6.66 -3.45 -12.28
C ASP A 206 7.55 -4.31 -13.16
N PRO A 207 8.86 -4.03 -13.18
CA PRO A 207 9.77 -4.95 -13.86
C PRO A 207 10.11 -6.15 -12.98
N ALA A 208 10.36 -7.30 -13.60
CA ALA A 208 10.75 -8.51 -12.88
C ALA A 208 11.54 -9.43 -13.79
N ASP A 209 12.39 -10.27 -13.21
CA ASP A 209 13.13 -11.25 -13.98
C ASP A 209 12.28 -12.50 -14.20
N THR A 210 11.11 -12.31 -14.79
CA THR A 210 10.18 -13.41 -15.03
C THR A 210 10.49 -14.12 -16.34
N ILE A 211 9.88 -15.28 -16.54
CA ILE A 211 10.14 -16.10 -17.71
C ILE A 211 9.30 -15.62 -18.89
N ASN A 212 8.08 -15.17 -18.60
CA ASN A 212 7.19 -14.65 -19.63
C ASN A 212 7.30 -13.13 -19.74
N GLU A 213 6.99 -12.61 -20.92
CA GLU A 213 7.06 -11.17 -21.16
C GLU A 213 6.11 -10.43 -20.22
N TRP A 214 4.92 -10.99 -20.03
CA TRP A 214 3.92 -10.39 -19.17
C TRP A 214 3.27 -11.42 -18.27
N GLU A 215 3.17 -11.09 -16.99
CA GLU A 215 2.46 -11.91 -16.03
C GLU A 215 1.67 -11.00 -15.11
N ASP A 216 0.68 -11.55 -14.41
CA ASP A 216 -0.09 -10.76 -13.46
C ASP A 216 0.78 -10.29 -12.31
N ASN A 217 0.68 -9.00 -11.99
CA ASN A 217 1.44 -8.43 -10.89
C ASN A 217 0.89 -8.91 -9.56
N GLU A 218 1.74 -9.59 -8.79
CA GLU A 218 1.32 -10.15 -7.51
C GLU A 218 1.23 -9.10 -6.41
N ARG A 219 1.41 -7.83 -6.78
CA ARG A 219 1.14 -6.72 -5.88
C ARG A 219 -0.35 -6.39 -5.90
N GLY A 220 -1.05 -6.92 -6.90
CA GLY A 220 -2.50 -6.78 -6.99
C GLY A 220 -3.04 -5.97 -8.16
N VAL A 221 -2.20 -5.15 -8.79
CA VAL A 221 -2.65 -4.30 -9.90
C VAL A 221 -1.75 -4.44 -11.13
N SER A 222 -2.38 -4.49 -12.30
CA SER A 222 -1.68 -4.53 -13.59
C SER A 222 -0.77 -5.75 -13.73
N TYR A 223 0.37 -5.57 -14.39
CA TYR A 223 1.23 -6.69 -14.75
C TYR A 223 2.68 -6.49 -14.33
N VAL A 224 3.46 -7.56 -14.40
CA VAL A 224 4.92 -7.46 -14.31
C VAL A 224 5.52 -7.81 -15.67
N PHE A 225 6.57 -7.08 -16.06
CA PHE A 225 7.18 -7.30 -17.36
C PHE A 225 8.65 -7.72 -17.26
N SER A 226 9.03 -8.65 -18.13
CA SER A 226 10.36 -9.25 -18.13
C SER A 226 11.41 -8.38 -18.81
N LYS A 227 12.66 -8.83 -18.74
CA LYS A 227 13.77 -8.20 -19.43
C LYS A 227 13.53 -8.13 -20.94
N VAL A 228 12.96 -9.20 -21.48
CA VAL A 228 12.63 -9.27 -22.90
C VAL A 228 11.68 -8.16 -23.31
N ALA A 229 10.65 -7.95 -22.50
CA ALA A 229 9.68 -6.88 -22.75
C ALA A 229 10.38 -5.52 -22.83
N ILE A 230 11.33 -5.30 -21.94
CA ILE A 230 12.09 -4.06 -21.91
C ILE A 230 12.92 -3.92 -23.18
N ASN A 231 13.67 -4.96 -23.50
CA ASN A 231 14.50 -5.00 -24.70
C ASN A 231 13.70 -4.78 -25.98
N LYS A 232 12.50 -5.36 -26.02
CA LYS A 232 11.60 -5.16 -27.16
C LYS A 232 11.12 -3.73 -27.26
N PHE A 233 10.74 -3.17 -26.11
CA PHE A 233 10.21 -1.81 -26.05
C PHE A 233 11.26 -0.78 -26.47
N LEU A 234 12.46 -0.93 -25.94
CA LEU A 234 13.58 -0.05 -26.30
C LEU A 234 13.90 -0.14 -27.78
N SER A 235 13.87 -1.35 -28.32
CA SER A 235 14.22 -1.59 -29.71
C SER A 235 13.13 -1.07 -30.67
N LYS A 236 11.88 -1.16 -30.23
CA LYS A 236 10.77 -0.73 -31.07
C LYS A 236 10.73 0.79 -31.26
N PHE A 237 10.97 1.54 -30.19
CA PHE A 237 10.85 2.98 -30.23
C PHE A 237 12.21 3.68 -30.20
N ASN A 238 13.28 2.89 -30.33
CA ASN A 238 14.64 3.40 -30.35
C ASN A 238 14.98 4.25 -29.13
N PHE A 239 14.72 3.70 -27.95
CA PHE A 239 15.07 4.37 -26.70
C PHE A 239 16.27 3.66 -26.08
N ASP A 240 17.00 4.38 -25.23
CA ASP A 240 18.17 3.80 -24.57
C ASP A 240 17.87 3.38 -23.13
N LEU A 241 16.94 4.09 -22.50
CA LEU A 241 16.68 3.89 -21.08
C LEU A 241 15.21 4.09 -20.71
N VAL A 242 14.71 3.18 -19.87
CA VAL A 242 13.43 3.38 -19.19
C VAL A 242 13.67 3.91 -17.78
N CYS A 243 13.19 5.11 -17.50
CA CYS A 243 13.31 5.70 -16.18
C CYS A 243 11.96 5.73 -15.48
N ARG A 244 11.87 5.06 -14.33
CA ARG A 244 10.61 4.99 -13.61
C ARG A 244 10.81 5.04 -12.09
N ALA A 245 9.71 5.06 -11.36
CA ALA A 245 9.75 5.10 -9.90
C ALA A 245 8.96 3.92 -9.34
N HIS A 246 7.96 4.22 -8.51
CA HIS A 246 6.93 3.27 -8.11
C HIS A 246 7.42 2.17 -7.16
N MET A 247 8.68 2.25 -6.72
CA MET A 247 9.21 1.27 -5.79
C MET A 247 10.34 1.80 -4.93
N VAL A 248 10.21 1.61 -3.61
CA VAL A 248 11.26 2.04 -2.69
C VAL A 248 12.51 1.19 -2.87
N VAL A 249 13.65 1.87 -3.00
CA VAL A 249 14.94 1.19 -3.13
C VAL A 249 15.94 1.77 -2.15
N GLU A 250 16.71 0.90 -1.51
CA GLU A 250 17.63 1.26 -0.43
C GLU A 250 18.54 2.44 -0.74
N ASP A 251 19.06 2.52 -1.97
CA ASP A 251 20.01 3.56 -2.32
C ASP A 251 19.38 4.72 -3.09
N GLY A 252 18.05 4.75 -3.14
CA GLY A 252 17.35 5.79 -3.86
C GLY A 252 17.23 5.51 -5.35
N TYR A 253 18.12 4.67 -5.86
CA TYR A 253 18.06 4.27 -7.25
C TYR A 253 18.57 2.85 -7.44
N GLU A 254 18.24 2.25 -8.57
CA GLU A 254 18.54 0.85 -8.83
C GLU A 254 18.34 0.49 -10.30
N PHE A 255 19.43 0.06 -10.94
CA PHE A 255 19.37 -0.34 -12.35
C PHE A 255 18.89 -1.78 -12.51
N PHE A 256 18.39 -2.10 -13.70
CA PHE A 256 17.88 -3.44 -14.00
C PHE A 256 18.07 -3.76 -15.47
N ASN A 257 18.26 -5.04 -15.77
CA ASN A 257 18.44 -5.53 -17.13
C ASN A 257 19.62 -4.84 -17.83
N ASP A 258 20.79 -4.95 -17.20
CA ASP A 258 22.02 -4.34 -17.71
C ASP A 258 21.86 -2.85 -17.98
N ARG A 259 21.39 -2.13 -16.97
CA ARG A 259 21.25 -0.69 -17.01
C ARG A 259 20.36 -0.18 -18.15
N THR A 260 19.31 -0.92 -18.46
CA THR A 260 18.35 -0.48 -19.48
C THR A 260 17.10 0.09 -18.81
N LEU A 261 16.95 -0.22 -17.53
CA LEU A 261 15.86 0.35 -16.74
C LEU A 261 16.41 0.81 -15.39
N VAL A 262 15.92 1.95 -14.91
CA VAL A 262 16.33 2.44 -13.60
C VAL A 262 15.12 2.88 -12.78
N THR A 263 15.13 2.50 -11.51
CA THR A 263 14.09 2.94 -10.59
C THR A 263 14.63 4.11 -9.76
N VAL A 264 13.90 5.21 -9.73
CA VAL A 264 14.32 6.37 -8.96
C VAL A 264 13.29 6.66 -7.87
N PHE A 265 13.77 6.76 -6.63
CA PHE A 265 12.89 6.92 -5.48
C PHE A 265 13.47 8.01 -4.58
N SER A 266 12.64 8.99 -4.23
CA SER A 266 13.16 10.20 -3.61
C SER A 266 12.54 10.50 -2.25
N ALA A 267 11.99 9.48 -1.61
CA ALA A 267 11.46 9.63 -0.26
C ALA A 267 12.32 8.84 0.73
N PRO A 268 13.32 9.51 1.32
CA PRO A 268 14.24 8.89 2.29
C PRO A 268 13.49 8.32 3.47
N ASN A 269 13.89 7.13 3.93
CA ASN A 269 13.25 6.44 5.04
C ASN A 269 11.74 6.34 4.82
N TYR A 270 11.37 5.77 3.67
CA TYR A 270 9.99 5.63 3.26
C TYR A 270 9.15 4.94 4.34
N CYS A 271 7.98 5.52 4.61
CA CYS A 271 7.05 5.02 5.62
C CYS A 271 7.63 5.04 7.03
N GLY A 272 8.83 5.61 7.17
CA GLY A 272 9.54 5.59 8.43
C GLY A 272 10.12 4.22 8.77
N GLU A 273 10.01 3.29 7.83
CA GLU A 273 10.38 1.89 8.08
C GLU A 273 11.63 1.43 7.32
N PHE A 274 11.82 1.92 6.09
CA PHE A 274 12.80 1.32 5.18
C PHE A 274 14.23 1.86 5.31
N ASP A 275 14.37 3.08 5.83
CA ASP A 275 15.68 3.69 6.07
C ASP A 275 16.46 3.86 4.78
N ASN A 276 15.74 3.94 3.67
CA ASN A 276 16.35 4.09 2.35
C ASN A 276 16.88 5.50 2.11
N TRP A 277 17.82 5.61 1.18
CA TRP A 277 18.23 6.91 0.67
C TRP A 277 17.26 7.37 -0.41
N GLY A 278 17.24 8.67 -0.66
CA GLY A 278 16.53 9.21 -1.82
C GLY A 278 17.53 9.53 -2.91
N ALA A 279 17.09 9.46 -4.17
CA ALA A 279 17.97 9.82 -5.28
C ALA A 279 17.30 10.74 -6.28
N VAL A 280 18.12 11.56 -6.94
CA VAL A 280 17.67 12.40 -8.03
C VAL A 280 18.61 12.17 -9.22
N MET A 281 18.04 11.80 -10.36
CA MET A 281 18.86 11.49 -11.54
C MET A 281 19.02 12.70 -12.45
N GLY A 282 20.23 13.24 -12.50
CA GLY A 282 20.56 14.28 -13.46
C GLY A 282 20.82 13.72 -14.84
N VAL A 283 20.22 14.34 -15.85
CA VAL A 283 20.49 13.95 -17.23
C VAL A 283 21.18 15.11 -17.95
N SER A 284 22.45 14.92 -18.26
CA SER A 284 23.27 15.95 -18.89
C SER A 284 22.82 16.26 -20.31
N GLU A 285 23.35 17.36 -20.85
CA GLU A 285 23.06 17.77 -22.22
C GLU A 285 23.56 16.72 -23.22
N ASP A 286 24.54 15.93 -22.80
CA ASP A 286 25.07 14.84 -23.60
C ASP A 286 24.49 13.49 -23.17
N LEU A 287 23.36 13.54 -22.48
CA LEU A 287 22.61 12.35 -22.07
C LEU A 287 23.37 11.48 -21.07
N LEU A 288 24.27 12.08 -20.31
CA LEU A 288 24.95 11.36 -19.23
C LEU A 288 24.10 11.37 -17.97
N CYS A 289 23.85 10.19 -17.42
CA CYS A 289 23.03 10.07 -16.22
C CYS A 289 23.89 9.97 -14.96
N SER A 290 23.66 10.89 -14.04
CA SER A 290 24.36 10.92 -12.76
C SER A 290 23.36 10.92 -11.62
N PHE A 291 23.82 10.63 -10.41
CA PHE A 291 22.91 10.52 -9.28
C PHE A 291 23.38 11.31 -8.07
N GLU A 292 22.54 12.24 -7.63
CA GLU A 292 22.73 12.92 -6.36
C GLU A 292 21.87 12.22 -5.32
N LEU A 293 22.43 11.98 -4.13
CA LEU A 293 21.74 11.17 -3.14
C LEU A 293 21.42 11.96 -1.87
N LEU A 294 20.33 11.56 -1.20
CA LEU A 294 19.95 12.15 0.07
C LEU A 294 19.77 11.07 1.12
N ASP A 295 20.46 11.22 2.25
CA ASP A 295 20.41 10.24 3.31
C ASP A 295 19.19 10.45 4.20
N PRO A 296 18.70 9.37 4.82
CA PRO A 296 17.49 9.47 5.65
C PRO A 296 17.76 10.11 7.00
N LEU A 297 17.09 11.22 7.27
CA LEU A 297 17.21 11.94 8.53
C LEU A 297 15.97 11.74 9.39
N ASP A 298 16.14 11.83 10.70
CA ASP A 298 15.00 11.74 11.61
C ASP A 298 14.29 13.09 11.67
N SER A 299 13.22 13.16 12.45
CA SER A 299 12.42 14.37 12.54
C SER A 299 13.24 15.55 13.06
N ALA A 300 14.17 15.25 13.96
CA ALA A 300 14.98 16.28 14.61
C ALA A 300 16.06 16.83 13.68
N ALA A 301 16.73 15.96 12.95
CA ALA A 301 17.78 16.39 12.03
C ALA A 301 17.19 17.18 10.87
N LEU A 302 16.01 16.77 10.42
CA LEU A 302 15.32 17.46 9.34
C LEU A 302 14.98 18.88 9.75
N LYS A 303 14.52 19.03 10.98
CA LYS A 303 14.20 20.34 11.53
C LYS A 303 15.44 21.21 11.58
N GLN A 304 16.59 20.59 11.87
CA GLN A 304 17.85 21.32 11.96
C GLN A 304 18.34 21.75 10.58
N VAL A 305 18.12 20.90 9.58
CA VAL A 305 18.45 21.25 8.20
C VAL A 305 17.56 22.38 7.70
N MET A 306 16.29 22.39 8.13
CA MET A 306 15.35 23.44 7.77
C MET A 306 15.76 24.73 8.46
N LYS A 307 16.17 24.58 9.72
CA LYS A 307 16.69 25.68 10.52
C LYS A 307 17.92 26.28 9.84
N LYS A 308 18.78 25.38 9.37
CA LYS A 308 20.03 25.74 8.70
C LYS A 308 19.77 26.44 7.37
N GLU A 309 18.93 25.83 6.55
CA GLU A 309 18.66 26.29 5.19
C GLU A 309 17.97 27.66 5.14
N LYS A 310 17.38 28.09 6.25
CA LYS A 310 16.71 29.38 6.31
C LYS A 310 17.68 30.55 6.21
N GLN A 311 18.97 30.25 6.28
CA GLN A 311 20.01 31.27 6.13
C GLN A 311 21.03 30.88 5.07
N ASP B 5 -25.99 -27.73 2.60
CA ASP B 5 -25.01 -28.50 3.36
C ASP B 5 -24.01 -27.53 3.99
N ILE B 6 -22.72 -27.86 3.86
CA ILE B 6 -21.58 -27.08 4.36
C ILE B 6 -20.33 -27.94 4.22
N ASP B 7 -20.51 -29.24 4.32
CA ASP B 7 -19.43 -30.20 4.13
C ASP B 7 -19.07 -30.27 2.65
N SER B 8 -20.11 -30.26 1.82
CA SER B 8 -19.95 -30.36 0.37
C SER B 8 -19.29 -29.10 -0.19
N LEU B 9 -19.57 -27.95 0.42
CA LEU B 9 -18.95 -26.70 0.01
C LEU B 9 -17.46 -26.71 0.32
N ILE B 10 -17.11 -27.21 1.51
CA ILE B 10 -15.70 -27.29 1.92
C ILE B 10 -14.96 -28.25 1.00
N ASP B 11 -15.61 -29.35 0.64
CA ASP B 11 -15.01 -30.36 -0.23
C ASP B 11 -14.67 -29.78 -1.60
N LYS B 12 -15.62 -29.08 -2.19
CA LYS B 12 -15.42 -28.44 -3.49
C LYS B 12 -14.28 -27.44 -3.42
N LEU B 13 -14.24 -26.67 -2.34
CA LEU B 13 -13.20 -25.66 -2.15
C LEU B 13 -11.82 -26.30 -2.00
N LEU B 14 -11.72 -27.31 -1.15
CA LEU B 14 -10.48 -28.02 -0.93
C LEU B 14 -10.01 -28.72 -2.21
N ASN B 15 -10.94 -29.35 -2.91
CA ASN B 15 -10.65 -30.00 -4.18
C ASN B 15 -10.10 -29.01 -5.20
N ALA B 16 -10.70 -27.82 -5.24
CA ALA B 16 -10.26 -26.77 -6.15
C ALA B 16 -8.81 -26.38 -5.85
N GLY B 17 -8.47 -26.36 -4.57
CA GLY B 17 -7.13 -26.02 -4.12
C GLY B 17 -6.10 -27.08 -4.44
N PHE B 18 -6.48 -28.34 -4.26
CA PHE B 18 -5.55 -29.46 -4.43
C PHE B 18 -5.21 -29.68 -5.90
N SER B 19 -6.03 -29.12 -6.78
CA SER B 19 -5.78 -29.21 -8.22
C SER B 19 -4.56 -28.38 -8.63
N GLY B 20 -4.29 -27.31 -7.90
CA GLY B 20 -3.20 -26.41 -8.26
C GLY B 20 -3.60 -25.52 -9.42
N LYS B 21 -4.85 -25.68 -9.86
CA LYS B 21 -5.36 -25.01 -11.06
C LYS B 21 -6.13 -23.73 -10.72
N ARG B 22 -5.91 -22.68 -11.51
CA ARG B 22 -6.74 -21.49 -11.41
C ARG B 22 -7.82 -21.51 -12.50
N THR B 23 -9.07 -21.35 -12.10
CA THR B 23 -10.17 -21.25 -13.04
C THR B 23 -10.92 -19.93 -12.86
N LYS B 24 -11.47 -19.42 -13.95
CA LYS B 24 -12.20 -18.15 -13.90
C LYS B 24 -13.47 -18.28 -13.07
N ASN B 25 -14.19 -19.38 -13.27
CA ASN B 25 -15.38 -19.65 -12.48
C ASN B 25 -15.02 -20.23 -11.12
N VAL B 26 -15.59 -19.67 -10.07
CA VAL B 26 -15.41 -20.21 -8.73
C VAL B 26 -16.16 -21.53 -8.65
N CYS B 27 -15.57 -22.51 -7.99
CA CYS B 27 -16.16 -23.84 -7.86
C CYS B 27 -17.51 -23.83 -7.14
N LEU B 28 -17.92 -22.67 -6.65
CA LEU B 28 -19.21 -22.51 -5.99
C LEU B 28 -20.09 -21.53 -6.74
N LYS B 29 -21.39 -21.81 -6.77
CA LYS B 29 -22.36 -20.94 -7.42
C LYS B 29 -22.51 -19.66 -6.61
N ASN B 30 -22.85 -18.56 -7.29
CA ASN B 30 -23.06 -17.29 -6.62
C ASN B 30 -24.13 -17.36 -5.53
N THR B 31 -25.09 -18.25 -5.70
CA THR B 31 -26.11 -18.48 -4.68
C THR B 31 -25.48 -19.11 -3.45
N GLU B 32 -24.50 -19.98 -3.68
CA GLU B 32 -23.78 -20.64 -2.60
C GLU B 32 -22.86 -19.66 -1.88
N ILE B 33 -22.14 -18.85 -2.64
CA ILE B 33 -21.27 -17.81 -2.09
C ILE B 33 -22.07 -16.83 -1.25
N GLU B 34 -23.23 -16.44 -1.75
CA GLU B 34 -24.12 -15.52 -1.06
C GLU B 34 -24.61 -16.14 0.24
N LEU B 35 -24.97 -17.42 0.18
CA LEU B 35 -25.46 -18.15 1.35
C LEU B 35 -24.40 -18.26 2.44
N ILE B 36 -23.16 -18.54 2.01
CA ILE B 36 -22.04 -18.63 2.94
C ILE B 36 -21.84 -17.33 3.70
N CYS B 37 -21.91 -16.21 2.97
CA CYS B 37 -21.74 -14.89 3.56
C CYS B 37 -22.86 -14.57 4.55
N ALA B 38 -24.07 -15.05 4.24
CA ALA B 38 -25.23 -14.84 5.10
C ALA B 38 -25.09 -15.62 6.40
N SER B 39 -24.62 -16.86 6.29
CA SER B 39 -24.40 -17.71 7.46
C SER B 39 -23.30 -17.13 8.34
N ALA B 40 -22.24 -16.65 7.71
CA ALA B 40 -21.09 -16.12 8.43
C ALA B 40 -21.44 -14.83 9.18
N ARG B 41 -22.20 -13.95 8.54
CA ARG B 41 -22.64 -12.71 9.18
C ARG B 41 -23.43 -13.00 10.44
N GLU B 42 -24.31 -13.99 10.35
CA GLU B 42 -25.12 -14.40 11.49
C GLU B 42 -24.25 -14.80 12.69
N ILE B 43 -23.20 -15.56 12.41
CA ILE B 43 -22.30 -16.01 13.46
C ILE B 43 -21.44 -14.87 14.03
N PHE B 44 -20.85 -14.07 13.16
CA PHE B 44 -20.01 -12.94 13.57
C PHE B 44 -20.75 -11.96 14.48
N LEU B 45 -21.96 -11.58 14.08
CA LEU B 45 -22.77 -10.64 14.85
C LEU B 45 -23.27 -11.28 16.14
N SER B 46 -23.32 -12.60 16.17
CA SER B 46 -23.74 -13.34 17.35
C SER B 46 -22.62 -13.44 18.39
N GLN B 47 -21.39 -13.57 17.90
CA GLN B 47 -20.22 -13.61 18.77
C GLN B 47 -19.74 -12.18 19.09
N PRO B 48 -19.04 -12.00 20.21
CA PRO B 48 -18.66 -10.65 20.66
C PRO B 48 -17.61 -9.97 19.76
N SER B 49 -17.51 -8.65 19.90
CA SER B 49 -16.53 -7.86 19.16
C SER B 49 -15.10 -8.16 19.62
N LEU B 50 -14.98 -8.56 20.89
CA LEU B 50 -13.69 -8.93 21.45
C LEU B 50 -13.73 -10.39 21.88
N LEU B 51 -13.12 -11.25 21.07
CA LEU B 51 -13.12 -12.68 21.34
C LEU B 51 -12.23 -13.01 22.54
N GLU B 52 -12.69 -13.96 23.35
CA GLU B 52 -11.92 -14.40 24.51
C GLU B 52 -11.67 -15.90 24.40
N LEU B 53 -10.46 -16.26 24.02
CA LEU B 53 -10.15 -17.64 23.64
C LEU B 53 -9.25 -18.35 24.62
N ALA B 54 -9.48 -19.64 24.79
CA ALA B 54 -8.65 -20.49 25.64
C ALA B 54 -7.69 -21.32 24.80
N PRO B 55 -6.46 -21.51 25.29
CA PRO B 55 -5.47 -22.34 24.58
C PRO B 55 -5.84 -23.82 24.68
N PRO B 56 -5.30 -24.67 23.78
CA PRO B 56 -4.35 -24.32 22.72
C PRO B 56 -5.01 -23.70 21.50
N VAL B 57 -4.21 -22.95 20.73
CA VAL B 57 -4.68 -22.31 19.51
C VAL B 57 -3.47 -21.90 18.68
N LYS B 58 -3.63 -21.91 17.36
CA LYS B 58 -2.59 -21.44 16.47
C LYS B 58 -3.01 -20.15 15.81
N VAL B 59 -2.11 -19.17 15.80
CA VAL B 59 -2.42 -17.83 15.31
C VAL B 59 -1.82 -17.60 13.93
N VAL B 60 -2.65 -17.19 12.98
CA VAL B 60 -2.23 -16.99 11.60
C VAL B 60 -2.29 -15.52 11.18
N GLY B 61 -1.20 -15.02 10.61
CA GLY B 61 -1.16 -13.66 10.11
C GLY B 61 -1.73 -13.54 8.71
N ASP B 62 -1.24 -12.56 7.95
CA ASP B 62 -1.74 -12.26 6.62
C ASP B 62 -1.65 -13.45 5.67
N VAL B 63 -2.68 -13.63 4.85
CA VAL B 63 -2.67 -14.68 3.85
C VAL B 63 -2.77 -14.05 2.46
N HIS B 64 -3.52 -12.96 2.39
CA HIS B 64 -3.66 -12.16 1.16
C HIS B 64 -3.87 -12.96 -0.12
N GLY B 65 -4.92 -13.77 -0.14
CA GLY B 65 -5.33 -14.45 -1.35
C GLY B 65 -4.41 -15.55 -1.86
N GLN B 66 -3.34 -15.82 -1.11
CA GLN B 66 -2.39 -16.86 -1.50
C GLN B 66 -2.93 -18.22 -1.07
N TYR B 67 -3.90 -18.71 -1.84
CA TYR B 67 -4.74 -19.84 -1.45
C TYR B 67 -3.98 -21.15 -1.26
N HIS B 68 -3.04 -21.44 -2.16
CA HIS B 68 -2.23 -22.65 -2.05
C HIS B 68 -1.42 -22.66 -0.77
N ASP B 69 -0.93 -21.49 -0.37
CA ASP B 69 -0.18 -21.38 0.88
C ASP B 69 -1.08 -21.61 2.09
N LEU B 70 -2.34 -21.22 1.98
CA LEU B 70 -3.32 -21.46 3.04
C LEU B 70 -3.52 -22.95 3.23
N ILE B 71 -3.53 -23.68 2.13
CA ILE B 71 -3.66 -25.13 2.17
C ILE B 71 -2.39 -25.76 2.76
N ARG B 72 -1.24 -25.19 2.42
CA ARG B 72 0.02 -25.59 3.04
C ARG B 72 -0.02 -25.41 4.55
N ILE B 73 -0.61 -24.30 5.00
CA ILE B 73 -0.74 -24.01 6.43
C ILE B 73 -1.55 -25.09 7.14
N PHE B 74 -2.71 -25.42 6.59
CA PHE B 74 -3.58 -26.42 7.19
C PHE B 74 -2.96 -27.81 7.14
N SER B 75 -2.21 -28.09 6.08
CA SER B 75 -1.53 -29.38 5.95
C SER B 75 -0.46 -29.56 7.02
N LYS B 76 0.30 -28.50 7.26
CA LYS B 76 1.42 -28.54 8.19
C LYS B 76 0.98 -28.37 9.65
N CYS B 77 -0.01 -27.52 9.87
CA CYS B 77 -0.42 -27.18 11.24
C CYS B 77 -1.69 -27.91 11.67
N GLY B 78 -2.28 -28.67 10.76
CA GLY B 78 -3.49 -29.43 11.07
C GLY B 78 -4.74 -28.75 10.56
N PHE B 79 -5.58 -29.52 9.88
CA PHE B 79 -6.88 -29.03 9.42
C PHE B 79 -7.83 -28.89 10.59
N PRO B 80 -8.72 -27.89 10.56
CA PRO B 80 -9.78 -27.85 11.58
C PRO B 80 -10.62 -29.12 11.51
N PRO B 81 -11.12 -29.60 12.66
CA PRO B 81 -11.05 -29.01 13.99
C PRO B 81 -9.89 -29.55 14.82
N LYS B 82 -8.94 -30.22 14.15
CA LYS B 82 -7.81 -30.82 14.84
C LYS B 82 -6.99 -29.74 15.53
N THR B 83 -6.87 -28.61 14.84
CA THR B 83 -6.23 -27.41 15.38
C THR B 83 -7.22 -26.25 15.56
N ASN B 84 -7.18 -25.60 16.72
CA ASN B 84 -7.95 -24.39 16.93
C ASN B 84 -7.22 -23.22 16.29
N TYR B 85 -7.95 -22.40 15.53
CA TYR B 85 -7.32 -21.30 14.80
C TYR B 85 -7.85 -19.92 15.16
N LEU B 86 -6.94 -18.95 15.18
CA LEU B 86 -7.30 -17.54 15.18
C LEU B 86 -6.55 -16.83 14.07
N PHE B 87 -7.28 -16.28 13.11
CA PHE B 87 -6.66 -15.53 12.02
C PHE B 87 -6.67 -14.04 12.33
N LEU B 88 -5.61 -13.35 11.94
CA LEU B 88 -5.45 -11.94 12.31
C LEU B 88 -5.91 -10.98 11.22
N GLY B 89 -6.48 -11.52 10.14
CA GLY B 89 -7.03 -10.68 9.09
C GLY B 89 -6.22 -10.61 7.82
N ASP B 90 -6.64 -9.72 6.92
CA ASP B 90 -6.03 -9.53 5.61
C ASP B 90 -6.03 -10.83 4.81
N TYR B 91 -7.24 -11.27 4.45
CA TYR B 91 -7.42 -12.53 3.76
C TYR B 91 -7.40 -12.37 2.23
N VAL B 92 -7.68 -11.16 1.77
CA VAL B 92 -7.82 -10.88 0.34
C VAL B 92 -6.83 -9.83 -0.16
N ASN B 93 -6.91 -9.55 -1.46
CA ASN B 93 -6.07 -8.57 -2.17
C ASN B 93 -4.68 -9.11 -2.45
N ARG B 94 -4.04 -8.53 -3.48
CA ARG B 94 -2.67 -8.87 -3.90
C ARG B 94 -2.53 -10.28 -4.46
N GLY B 95 -3.00 -11.28 -3.72
CA GLY B 95 -2.88 -12.68 -4.12
C GLY B 95 -3.69 -13.09 -5.33
N LYS B 96 -3.48 -14.34 -5.75
CA LYS B 96 -4.08 -14.85 -6.98
C LYS B 96 -5.51 -15.39 -6.82
N GLN B 97 -5.82 -15.93 -5.64
CA GLN B 97 -7.12 -16.55 -5.41
C GLN B 97 -7.77 -16.06 -4.11
N SER B 98 -8.09 -14.78 -4.06
CA SER B 98 -8.72 -14.19 -2.88
C SER B 98 -10.08 -14.82 -2.59
N LEU B 99 -10.81 -15.16 -3.64
CA LEU B 99 -12.16 -15.70 -3.49
C LEU B 99 -12.14 -17.08 -2.82
N GLU B 100 -11.32 -18.00 -3.33
CA GLU B 100 -11.16 -19.31 -2.71
C GLU B 100 -10.75 -19.19 -1.25
N THR B 101 -9.79 -18.32 -1.00
CA THR B 101 -9.25 -18.12 0.34
C THR B 101 -10.32 -17.73 1.36
N ILE B 102 -10.99 -16.61 1.12
CA ILE B 102 -12.00 -16.11 2.06
C ILE B 102 -13.18 -17.09 2.21
N LEU B 103 -13.56 -17.75 1.12
CA LEU B 103 -14.69 -18.67 1.14
C LEU B 103 -14.41 -19.88 2.03
N LEU B 104 -13.19 -20.41 1.93
CA LEU B 104 -12.80 -21.58 2.73
C LEU B 104 -12.75 -21.21 4.21
N LEU B 105 -12.22 -20.02 4.50
CA LEU B 105 -12.13 -19.53 5.86
C LEU B 105 -13.52 -19.34 6.46
N LEU B 106 -14.43 -18.81 5.66
CA LEU B 106 -15.81 -18.58 6.10
C LEU B 106 -16.53 -19.90 6.35
N CYS B 107 -16.33 -20.87 5.47
CA CYS B 107 -16.93 -22.19 5.62
C CYS B 107 -16.49 -22.88 6.90
N TYR B 108 -15.20 -22.80 7.21
CA TYR B 108 -14.67 -23.36 8.45
C TYR B 108 -15.24 -22.63 9.67
N LYS B 109 -15.43 -21.33 9.54
CA LYS B 109 -16.07 -20.55 10.59
C LYS B 109 -17.49 -21.05 10.83
N ILE B 110 -18.17 -21.39 9.75
CA ILE B 110 -19.53 -21.89 9.82
C ILE B 110 -19.55 -23.29 10.45
N LYS B 111 -18.66 -24.16 9.98
CA LYS B 111 -18.61 -25.54 10.44
C LYS B 111 -18.15 -25.65 11.90
N TYR B 112 -17.17 -24.83 12.28
CA TYR B 112 -16.62 -24.88 13.63
C TYR B 112 -16.63 -23.50 14.30
N PRO B 113 -17.83 -22.96 14.57
CA PRO B 113 -17.99 -21.59 15.08
C PRO B 113 -17.30 -21.33 16.42
N GLU B 114 -16.95 -22.38 17.15
CA GLU B 114 -16.37 -22.22 18.47
C GLU B 114 -14.92 -22.71 18.53
N ASN B 115 -14.39 -23.13 17.39
CA ASN B 115 -13.01 -23.60 17.31
C ASN B 115 -12.22 -22.88 16.22
N PHE B 116 -12.91 -22.01 15.49
CA PHE B 116 -12.32 -21.32 14.35
C PHE B 116 -12.70 -19.85 14.40
N PHE B 117 -11.72 -18.97 14.25
CA PHE B 117 -11.97 -17.55 14.43
C PHE B 117 -11.21 -16.68 13.44
N LEU B 118 -11.89 -15.64 12.96
CA LEU B 118 -11.32 -14.72 11.99
C LEU B 118 -11.47 -13.27 12.46
N LEU B 119 -10.36 -12.56 12.58
CA LEU B 119 -10.40 -11.16 12.93
C LEU B 119 -10.41 -10.29 11.68
N ARG B 120 -10.73 -9.02 11.86
CA ARG B 120 -10.72 -8.07 10.76
C ARG B 120 -9.32 -7.50 10.57
N GLY B 121 -8.85 -7.50 9.33
CA GLY B 121 -7.61 -6.84 8.99
C GLY B 121 -7.92 -5.52 8.32
N ASN B 122 -6.89 -4.71 8.10
CA ASN B 122 -7.09 -3.41 7.46
C ASN B 122 -7.56 -3.53 6.01
N HIS B 123 -7.31 -4.70 5.41
CA HIS B 123 -7.70 -4.93 4.03
C HIS B 123 -9.17 -5.33 3.89
N GLU B 124 -9.80 -5.76 4.97
CA GLU B 124 -11.21 -6.15 4.91
C GLU B 124 -12.14 -4.94 4.98
N CYS B 125 -12.12 -4.16 3.90
CA CYS B 125 -12.98 -2.99 3.77
C CYS B 125 -13.10 -2.61 2.30
N ALA B 126 -14.11 -1.81 1.98
CA ALA B 126 -14.38 -1.45 0.58
C ALA B 126 -13.25 -0.65 -0.04
N ASN B 127 -12.71 0.31 0.71
CA ASN B 127 -11.66 1.19 0.22
C ASN B 127 -10.41 0.46 -0.30
N VAL B 128 -9.89 -0.47 0.51
CA VAL B 128 -8.65 -1.15 0.16
C VAL B 128 -8.86 -2.23 -0.90
N THR B 129 -9.96 -2.96 -0.80
CA THR B 129 -10.26 -4.02 -1.76
C THR B 129 -10.56 -3.45 -3.14
N ARG B 130 -10.94 -2.18 -3.18
CA ARG B 130 -11.22 -1.51 -4.44
C ARG B 130 -9.95 -1.32 -5.25
N VAL B 131 -8.83 -1.17 -4.56
CA VAL B 131 -7.56 -0.86 -5.21
C VAL B 131 -6.70 -2.09 -5.50
N TYR B 132 -6.60 -2.98 -4.51
CA TYR B 132 -5.55 -4.00 -4.54
C TYR B 132 -6.00 -5.42 -4.92
N GLY B 133 -7.08 -5.52 -5.70
CA GLY B 133 -7.38 -6.77 -6.38
C GLY B 133 -8.69 -7.49 -6.13
N PHE B 134 -9.19 -7.45 -4.91
CA PHE B 134 -10.37 -8.26 -4.56
C PHE B 134 -11.61 -7.78 -5.29
N TYR B 135 -11.73 -6.47 -5.47
CA TYR B 135 -12.87 -5.91 -6.19
C TYR B 135 -12.83 -6.36 -7.65
N ASP B 136 -11.65 -6.29 -8.25
CA ASP B 136 -11.46 -6.70 -9.64
C ASP B 136 -11.68 -8.20 -9.83
N GLU B 137 -11.25 -8.98 -8.86
CA GLU B 137 -11.41 -10.44 -8.92
C GLU B 137 -12.88 -10.81 -8.82
N CYS B 138 -13.58 -10.12 -7.93
CA CYS B 138 -15.03 -10.30 -7.77
C CYS B 138 -15.77 -9.97 -9.07
N LYS B 139 -15.44 -8.83 -9.67
CA LYS B 139 -16.11 -8.38 -10.87
C LYS B 139 -15.90 -9.33 -12.06
N ARG B 140 -14.71 -9.91 -12.15
CA ARG B 140 -14.37 -10.77 -13.28
C ARG B 140 -14.88 -12.20 -13.09
N ARG B 141 -14.80 -12.71 -11.87
CA ARG B 141 -15.15 -14.08 -11.61
C ARG B 141 -16.59 -14.22 -11.11
N CYS B 142 -17.12 -13.16 -10.50
CA CYS B 142 -18.52 -13.13 -10.05
C CYS B 142 -19.20 -11.88 -10.59
N ASN B 143 -19.62 -11.00 -9.67
CA ASN B 143 -20.12 -9.68 -10.03
C ASN B 143 -19.89 -8.66 -8.93
N ILE B 144 -20.34 -7.43 -9.16
CA ILE B 144 -20.14 -6.34 -8.20
C ILE B 144 -21.01 -6.55 -6.98
N LYS B 145 -22.17 -7.17 -7.20
CA LYS B 145 -23.10 -7.47 -6.11
C LYS B 145 -22.47 -8.41 -5.10
N THR B 146 -21.69 -9.37 -5.60
CA THR B 146 -20.99 -10.33 -4.74
C THR B 146 -19.94 -9.63 -3.89
N TRP B 147 -19.19 -8.73 -4.50
CA TRP B 147 -18.20 -7.92 -3.79
C TRP B 147 -18.84 -7.16 -2.63
N LYS B 148 -19.96 -6.53 -2.90
CA LYS B 148 -20.67 -5.75 -1.88
C LYS B 148 -21.09 -6.62 -0.70
N LEU B 149 -21.48 -7.86 -0.99
CA LEU B 149 -21.83 -8.83 0.04
C LEU B 149 -20.63 -9.21 0.92
N PHE B 150 -19.48 -9.41 0.28
CA PHE B 150 -18.26 -9.67 1.03
C PHE B 150 -17.91 -8.49 1.93
N ILE B 151 -18.09 -7.28 1.41
CA ILE B 151 -17.86 -6.07 2.19
C ILE B 151 -18.82 -6.00 3.38
N ASP B 152 -20.10 -6.33 3.12
CA ASP B 152 -21.09 -6.43 4.18
C ASP B 152 -20.66 -7.42 5.25
N THR B 153 -19.99 -8.49 4.81
CA THR B 153 -19.56 -9.55 5.71
C THR B 153 -18.31 -9.11 6.48
N PHE B 154 -17.37 -8.48 5.78
CA PHE B 154 -16.18 -7.91 6.41
C PHE B 154 -16.55 -6.94 7.54
N ASN B 155 -17.61 -6.17 7.31
CA ASN B 155 -18.08 -5.19 8.28
C ASN B 155 -18.57 -5.78 9.59
N THR B 156 -18.78 -7.10 9.62
CA THR B 156 -19.28 -7.77 10.82
C THR B 156 -18.20 -8.53 11.57
N LEU B 157 -16.99 -8.57 10.99
CA LEU B 157 -15.86 -9.28 11.61
C LEU B 157 -15.50 -8.70 12.98
N PRO B 158 -15.10 -9.58 13.92
CA PRO B 158 -14.63 -9.12 15.22
C PRO B 158 -13.27 -8.43 15.09
N ILE B 159 -12.91 -7.60 16.08
CA ILE B 159 -11.76 -6.72 15.93
C ILE B 159 -10.51 -7.23 16.65
N ALA B 160 -10.70 -7.86 17.81
CA ALA B 160 -9.57 -8.31 18.60
C ALA B 160 -9.89 -9.58 19.38
N ALA B 161 -8.85 -10.26 19.84
CA ALA B 161 -9.02 -11.45 20.65
C ALA B 161 -8.01 -11.50 21.80
N ILE B 162 -8.45 -11.99 22.95
CA ILE B 162 -7.55 -12.21 24.07
C ILE B 162 -7.41 -13.71 24.33
N VAL B 163 -6.19 -14.22 24.21
CA VAL B 163 -5.93 -15.64 24.45
C VAL B 163 -5.40 -15.89 25.85
N ALA B 164 -6.14 -16.71 26.60
CA ALA B 164 -5.78 -17.10 27.97
C ALA B 164 -5.57 -15.91 28.89
N GLY B 165 -6.25 -14.79 28.60
CA GLY B 165 -6.16 -13.60 29.43
C GLY B 165 -4.82 -12.90 29.41
N LYS B 166 -3.89 -13.38 28.59
CA LYS B 166 -2.51 -12.90 28.65
C LYS B 166 -1.95 -12.47 27.30
N ILE B 167 -2.47 -13.02 26.21
CA ILE B 167 -2.00 -12.64 24.89
C ILE B 167 -3.05 -11.83 24.14
N PHE B 168 -2.74 -10.57 23.89
CA PHE B 168 -3.63 -9.67 23.18
C PHE B 168 -3.42 -9.77 21.68
N CYS B 169 -4.45 -10.19 20.96
CA CYS B 169 -4.36 -10.39 19.52
C CYS B 169 -5.19 -9.37 18.75
N VAL B 170 -4.54 -8.70 17.81
CA VAL B 170 -5.17 -7.69 16.98
C VAL B 170 -4.40 -7.67 15.67
N HIS B 171 -5.00 -7.14 14.59
CA HIS B 171 -4.30 -7.13 13.31
C HIS B 171 -3.18 -6.10 13.26
N GLY B 172 -3.51 -4.85 13.56
CA GLY B 172 -2.55 -3.76 13.44
C GLY B 172 -1.75 -3.54 14.71
N GLY B 173 -2.42 -3.05 15.75
CA GLY B 173 -1.73 -2.78 17.00
C GLY B 173 -2.56 -2.02 18.01
N LEU B 174 -1.87 -1.21 18.82
CA LEU B 174 -2.48 -0.52 19.95
C LEU B 174 -3.13 0.80 19.53
N SER B 175 -3.83 1.43 20.48
CA SER B 175 -4.47 2.71 20.22
C SER B 175 -4.26 3.69 21.38
N PRO B 176 -4.12 4.98 21.06
CA PRO B 176 -3.99 6.02 22.10
C PRO B 176 -5.32 6.31 22.80
N VAL B 177 -6.42 5.82 22.25
CA VAL B 177 -7.72 6.02 22.87
C VAL B 177 -8.35 4.71 23.32
N LEU B 178 -7.51 3.71 23.55
CA LEU B 178 -7.97 2.43 24.09
C LEU B 178 -7.82 2.43 25.60
N ASN B 179 -8.91 2.74 26.29
CA ASN B 179 -8.88 2.88 27.76
C ASN B 179 -9.31 1.60 28.47
N SER B 180 -10.15 0.81 27.82
CA SER B 180 -10.64 -0.43 28.42
C SER B 180 -10.99 -1.46 27.35
N MET B 181 -11.05 -2.72 27.76
CA MET B 181 -11.42 -3.80 26.87
C MET B 181 -12.89 -3.72 26.45
N ASP B 182 -13.71 -3.09 27.29
CA ASP B 182 -15.13 -2.95 26.98
C ASP B 182 -15.34 -2.04 25.78
N GLU B 183 -14.35 -1.19 25.51
CA GLU B 183 -14.43 -0.29 24.36
C GLU B 183 -14.30 -1.08 23.06
N ILE B 184 -13.54 -2.16 23.10
CA ILE B 184 -13.45 -3.06 21.95
C ILE B 184 -14.75 -3.85 21.88
N ARG B 185 -15.23 -4.30 23.03
CA ARG B 185 -16.51 -5.02 23.13
C ARG B 185 -17.68 -4.19 22.60
N ASN B 186 -17.59 -2.86 22.73
CA ASN B 186 -18.70 -1.99 22.38
C ASN B 186 -18.59 -1.34 21.00
N ILE B 187 -17.67 -1.85 20.17
CA ILE B 187 -17.62 -1.40 18.78
C ILE B 187 -18.86 -1.89 18.05
N ALA B 188 -19.67 -0.95 17.56
CA ALA B 188 -20.92 -1.29 16.90
C ALA B 188 -20.68 -1.95 15.54
N ARG B 189 -21.37 -3.06 15.32
CA ARG B 189 -21.28 -3.77 14.04
C ARG B 189 -22.67 -3.97 13.43
N PRO B 190 -22.77 -3.98 12.10
CA PRO B 190 -21.67 -3.82 11.13
C PRO B 190 -21.15 -2.38 11.04
N THR B 191 -19.90 -2.23 10.62
CA THR B 191 -19.33 -0.91 10.43
C THR B 191 -18.23 -0.94 9.36
N ASP B 192 -18.14 0.13 8.59
CA ASP B 192 -16.99 0.34 7.73
C ASP B 192 -15.82 0.76 8.63
N VAL B 193 -14.61 0.73 8.10
CA VAL B 193 -13.48 1.24 8.84
C VAL B 193 -13.41 2.76 8.71
N PRO B 194 -13.52 3.47 9.84
CA PRO B 194 -13.45 4.93 9.82
C PRO B 194 -12.02 5.40 9.53
N ASP B 195 -11.86 6.66 9.13
CA ASP B 195 -10.54 7.17 8.79
C ASP B 195 -9.71 7.47 10.04
N PHE B 196 -10.39 7.46 11.19
CA PHE B 196 -9.77 7.77 12.47
C PHE B 196 -10.49 7.05 13.61
N GLY B 197 -9.91 7.12 14.80
CA GLY B 197 -10.53 6.55 15.98
C GLY B 197 -10.01 5.17 16.34
N LEU B 198 -10.64 4.56 17.34
CA LEU B 198 -10.19 3.28 17.90
C LEU B 198 -10.00 2.20 16.84
N LEU B 199 -11.05 1.94 16.06
CA LEU B 199 -11.03 0.84 15.08
C LEU B 199 -9.96 1.07 14.01
N ASN B 200 -9.81 2.32 13.59
CA ASN B 200 -8.78 2.68 12.64
C ASN B 200 -7.38 2.35 13.17
N ASP B 201 -7.16 2.68 14.44
CA ASP B 201 -5.88 2.43 15.08
C ASP B 201 -5.58 0.93 15.19
N LEU B 202 -6.56 0.18 15.68
CA LEU B 202 -6.40 -1.26 15.88
C LEU B 202 -6.04 -2.01 14.59
N LEU B 203 -6.44 -1.46 13.45
CA LEU B 203 -6.16 -2.11 12.17
C LEU B 203 -4.94 -1.54 11.44
N TRP B 204 -4.52 -0.33 11.78
CA TRP B 204 -3.48 0.35 11.01
C TRP B 204 -2.23 0.77 11.77
N SER B 205 -2.23 0.69 13.09
CA SER B 205 -1.08 1.17 13.85
C SER B 205 0.12 0.22 13.75
N ASP B 206 1.31 0.77 13.89
CA ASP B 206 2.55 0.00 13.83
C ASP B 206 3.44 0.25 15.05
N PRO B 207 4.23 -0.74 15.46
CA PRO B 207 5.24 -0.47 16.50
C PRO B 207 6.47 0.20 15.90
N ALA B 208 7.13 1.04 16.68
CA ALA B 208 8.36 1.70 16.23
C ALA B 208 9.25 2.05 17.42
N ASP B 209 10.55 2.15 17.18
CA ASP B 209 11.47 2.57 18.22
C ASP B 209 11.53 4.09 18.31
N THR B 210 10.37 4.71 18.51
CA THR B 210 10.26 6.16 18.56
C THR B 210 10.51 6.70 19.96
N ILE B 211 10.71 8.01 20.06
CA ILE B 211 10.99 8.67 21.33
C ILE B 211 9.69 8.99 22.05
N ASN B 212 8.67 9.37 21.30
CA ASN B 212 7.36 9.66 21.88
C ASN B 212 6.48 8.41 21.87
N GLU B 213 5.53 8.36 22.81
CA GLU B 213 4.64 7.23 22.92
C GLU B 213 3.77 7.08 21.68
N TRP B 214 3.30 8.21 21.15
CA TRP B 214 2.47 8.19 19.96
C TRP B 214 2.90 9.26 18.95
N GLU B 215 3.04 8.84 17.69
CA GLU B 215 3.35 9.75 16.59
C GLU B 215 2.54 9.33 15.37
N ASP B 216 2.42 10.24 14.40
CA ASP B 216 1.72 9.92 13.16
C ASP B 216 2.45 8.82 12.39
N ASN B 217 1.70 7.82 11.96
CA ASN B 217 2.26 6.74 11.17
C ASN B 217 2.59 7.23 9.77
N GLU B 218 3.86 7.16 9.39
CA GLU B 218 4.28 7.66 8.08
C GLU B 218 3.93 6.68 6.96
N ARG B 219 3.16 5.65 7.28
CA ARG B 219 2.58 4.78 6.25
C ARG B 219 1.30 5.43 5.72
N GLY B 220 0.82 6.44 6.45
CA GLY B 220 -0.31 7.23 6.01
C GLY B 220 -1.58 7.12 6.84
N VAL B 221 -1.68 6.05 7.63
CA VAL B 221 -2.89 5.84 8.44
C VAL B 221 -2.54 5.57 9.90
N SER B 222 -3.31 6.17 10.79
CA SER B 222 -3.19 5.95 12.23
C SER B 222 -1.83 6.36 12.79
N TYR B 223 -1.34 5.61 13.77
CA TYR B 223 -0.14 5.99 14.51
C TYR B 223 0.93 4.92 14.59
N VAL B 224 2.11 5.33 15.05
CA VAL B 224 3.15 4.40 15.46
C VAL B 224 3.29 4.51 16.97
N PHE B 225 3.49 3.37 17.64
CA PHE B 225 3.61 3.39 19.09
C PHE B 225 4.96 2.85 19.55
N SER B 226 5.50 3.50 20.59
CA SER B 226 6.83 3.20 21.09
C SER B 226 6.86 1.98 22.01
N LYS B 227 8.07 1.58 22.41
CA LYS B 227 8.27 0.51 23.37
C LYS B 227 7.60 0.82 24.72
N VAL B 228 7.69 2.07 25.14
CA VAL B 228 7.05 2.52 26.38
C VAL B 228 5.54 2.29 26.32
N ALA B 229 4.94 2.64 25.19
CA ALA B 229 3.52 2.43 24.95
C ALA B 229 3.13 0.97 25.13
N ILE B 230 3.97 0.07 24.61
CA ILE B 230 3.72 -1.37 24.74
C ILE B 230 3.77 -1.81 26.20
N ASN B 231 4.84 -1.45 26.88
CA ASN B 231 5.00 -1.77 28.30
C ASN B 231 3.86 -1.21 29.17
N LYS B 232 3.42 0.00 28.84
CA LYS B 232 2.31 0.63 29.54
C LYS B 232 1.01 -0.14 29.30
N PHE B 233 0.78 -0.52 28.05
CA PHE B 233 -0.42 -1.26 27.69
C PHE B 233 -0.45 -2.61 28.38
N LEU B 234 0.68 -3.31 28.33
CA LEU B 234 0.80 -4.62 28.99
C LEU B 234 0.54 -4.51 30.48
N SER B 235 1.06 -3.46 31.11
CA SER B 235 0.92 -3.28 32.54
C SER B 235 -0.50 -2.87 32.93
N LYS B 236 -1.17 -2.10 32.08
CA LYS B 236 -2.52 -1.64 32.37
C LYS B 236 -3.54 -2.77 32.35
N PHE B 237 -3.42 -3.67 31.38
CA PHE B 237 -4.39 -4.74 31.22
C PHE B 237 -3.81 -6.10 31.60
N ASN B 238 -2.62 -6.08 32.20
CA ASN B 238 -1.97 -7.29 32.68
C ASN B 238 -1.82 -8.37 31.62
N PHE B 239 -1.25 -8.00 30.48
CA PHE B 239 -0.98 -8.94 29.40
C PHE B 239 0.52 -9.25 29.31
N ASP B 240 0.86 -10.40 28.74
CA ASP B 240 2.25 -10.80 28.60
C ASP B 240 2.76 -10.55 27.18
N LEU B 241 1.87 -10.62 26.20
CA LEU B 241 2.27 -10.54 24.81
C LEU B 241 1.23 -9.83 23.93
N VAL B 242 1.70 -8.96 23.06
CA VAL B 242 0.87 -8.43 21.99
C VAL B 242 1.19 -9.20 20.70
N CYS B 243 0.19 -9.87 20.16
CA CYS B 243 0.36 -10.61 18.91
C CYS B 243 -0.37 -9.91 17.77
N ARG B 244 0.37 -9.53 16.75
CA ARG B 244 -0.20 -8.80 15.62
C ARG B 244 0.40 -9.22 14.29
N ALA B 245 -0.12 -8.65 13.21
CA ALA B 245 0.37 -8.93 11.87
C ALA B 245 0.75 -7.63 11.18
N HIS B 246 0.13 -7.38 10.02
CA HIS B 246 0.11 -6.08 9.36
C HIS B 246 1.46 -5.65 8.75
N MET B 247 2.45 -6.54 8.79
CA MET B 247 3.74 -6.21 8.18
C MET B 247 4.52 -7.46 7.78
N VAL B 248 5.00 -7.45 6.53
CA VAL B 248 5.80 -8.55 6.02
C VAL B 248 7.15 -8.63 6.74
N VAL B 249 7.48 -9.83 7.22
CA VAL B 249 8.76 -10.08 7.88
C VAL B 249 9.45 -11.30 7.26
N GLU B 250 10.76 -11.18 7.04
CA GLU B 250 11.54 -12.19 6.35
C GLU B 250 11.33 -13.65 6.81
N ASP B 251 11.25 -13.86 8.12
CA ASP B 251 11.14 -15.21 8.66
C ASP B 251 9.72 -15.59 9.05
N GLY B 252 8.75 -14.78 8.65
CA GLY B 252 7.36 -15.04 8.98
C GLY B 252 6.95 -14.51 10.34
N TYR B 253 7.92 -14.33 11.22
CA TYR B 253 7.64 -13.77 12.53
C TYR B 253 8.85 -12.96 13.01
N GLU B 254 8.62 -12.10 13.99
CA GLU B 254 9.64 -11.17 14.45
C GLU B 254 9.24 -10.53 15.78
N PHE B 255 10.05 -10.76 16.80
CA PHE B 255 9.77 -10.19 18.11
C PHE B 255 10.22 -8.73 18.19
N PHE B 256 9.64 -8.01 19.14
CA PHE B 256 9.95 -6.59 19.32
C PHE B 256 9.80 -6.21 20.78
N ASN B 257 10.62 -5.27 21.23
CA ASN B 257 10.58 -4.78 22.62
C ASN B 257 10.80 -5.92 23.62
N ASP B 258 11.90 -6.64 23.45
CA ASP B 258 12.25 -7.78 24.31
C ASP B 258 11.15 -8.82 24.37
N ARG B 259 10.69 -9.27 23.20
CA ARG B 259 9.68 -10.32 23.08
C ARG B 259 8.38 -10.03 23.82
N THR B 260 7.98 -8.77 23.84
CA THR B 260 6.70 -8.40 24.44
C THR B 260 5.67 -8.18 23.34
N LEU B 261 6.16 -8.04 22.11
CA LEU B 261 5.31 -7.94 20.94
C LEU B 261 5.87 -8.82 19.83
N VAL B 262 4.98 -9.48 19.10
CA VAL B 262 5.39 -10.30 17.97
C VAL B 262 4.53 -10.03 16.73
N THR B 263 5.19 -9.92 15.59
CA THR B 263 4.49 -9.77 14.32
C THR B 263 4.45 -11.12 13.61
N VAL B 264 3.25 -11.55 13.23
CA VAL B 264 3.10 -12.83 12.54
C VAL B 264 2.56 -12.62 11.12
N PHE B 265 3.26 -13.19 10.15
CA PHE B 265 2.94 -12.99 8.74
C PHE B 265 2.99 -14.35 8.04
N SER B 266 1.93 -14.67 7.30
CA SER B 266 1.76 -16.03 6.80
C SER B 266 1.63 -16.11 5.28
N ALA B 267 2.11 -15.07 4.59
CA ALA B 267 2.11 -15.06 3.13
C ALA B 267 3.53 -15.10 2.57
N PRO B 268 4.04 -16.32 2.28
CA PRO B 268 5.39 -16.49 1.74
C PRO B 268 5.59 -15.76 0.41
N ASN B 269 6.75 -15.11 0.26
CA ASN B 269 7.08 -14.35 -0.94
C ASN B 269 5.97 -13.35 -1.27
N TYR B 270 5.65 -12.51 -0.29
CA TYR B 270 4.60 -11.50 -0.40
C TYR B 270 4.84 -10.63 -1.64
N CYS B 271 3.76 -10.38 -2.40
CA CYS B 271 3.80 -9.58 -3.61
C CYS B 271 4.71 -10.20 -4.69
N GLY B 272 5.22 -11.40 -4.43
CA GLY B 272 6.18 -12.03 -5.32
C GLY B 272 7.55 -11.38 -5.29
N GLU B 273 7.72 -10.41 -4.39
CA GLU B 273 8.92 -9.58 -4.35
C GLU B 273 9.84 -9.82 -3.15
N PHE B 274 9.26 -10.11 -1.99
CA PHE B 274 10.00 -10.06 -0.73
C PHE B 274 10.75 -11.34 -0.35
N ASP B 275 10.32 -12.47 -0.89
CA ASP B 275 10.97 -13.76 -0.66
C ASP B 275 10.92 -14.15 0.82
N ASN B 276 9.93 -13.61 1.53
CA ASN B 276 9.77 -13.87 2.95
C ASN B 276 9.21 -15.27 3.23
N TRP B 277 9.48 -15.77 4.42
CA TRP B 277 8.83 -16.97 4.92
C TRP B 277 7.48 -16.62 5.54
N GLY B 278 6.60 -17.61 5.64
CA GLY B 278 5.37 -17.45 6.41
C GLY B 278 5.51 -18.16 7.75
N ALA B 279 4.82 -17.65 8.77
CA ALA B 279 4.83 -18.31 10.07
C ALA B 279 3.44 -18.45 10.68
N VAL B 280 3.30 -19.48 11.51
CA VAL B 280 2.09 -19.68 12.31
C VAL B 280 2.49 -19.88 13.76
N MET B 281 1.92 -19.08 14.65
CA MET B 281 2.30 -19.16 16.06
C MET B 281 1.38 -20.08 16.84
N GLY B 282 1.91 -21.24 17.24
CA GLY B 282 1.19 -22.13 18.13
C GLY B 282 1.29 -21.62 19.55
N VAL B 283 0.16 -21.58 20.24
CA VAL B 283 0.13 -21.23 21.65
C VAL B 283 -0.29 -22.42 22.48
N SER B 284 0.64 -22.98 23.24
CA SER B 284 0.36 -24.16 24.05
C SER B 284 -0.62 -23.83 25.16
N GLU B 285 -1.15 -24.87 25.80
CA GLU B 285 -2.09 -24.72 26.90
C GLU B 285 -1.41 -24.03 28.09
N ASP B 286 -0.08 -24.09 28.13
CA ASP B 286 0.70 -23.40 29.16
C ASP B 286 1.21 -22.05 28.66
N LEU B 287 0.56 -21.54 27.62
CA LEU B 287 0.86 -20.21 27.08
C LEU B 287 2.27 -20.13 26.51
N LEU B 288 2.81 -21.28 26.10
CA LEU B 288 4.11 -21.31 25.45
C LEU B 288 3.94 -21.06 23.95
N CYS B 289 4.70 -20.11 23.43
CA CYS B 289 4.59 -19.74 22.02
C CYS B 289 5.66 -20.39 21.15
N SER B 290 5.21 -21.09 20.12
CA SER B 290 6.11 -21.73 19.17
C SER B 290 5.77 -21.28 17.75
N PHE B 291 6.68 -21.50 16.81
CA PHE B 291 6.48 -21.03 15.44
C PHE B 291 6.76 -22.11 14.40
N GLU B 292 5.77 -22.40 13.57
CA GLU B 292 5.96 -23.25 12.40
C GLU B 292 6.17 -22.36 11.18
N LEU B 293 7.12 -22.74 10.32
CA LEU B 293 7.51 -21.87 9.21
C LEU B 293 7.19 -22.46 7.84
N LEU B 294 6.96 -21.58 6.88
CA LEU B 294 6.74 -21.99 5.49
C LEU B 294 7.68 -21.23 4.56
N ASP B 295 8.42 -21.97 3.76
CA ASP B 295 9.37 -21.38 2.83
C ASP B 295 8.65 -20.97 1.54
N PRO B 296 9.17 -19.93 0.85
CA PRO B 296 8.52 -19.43 -0.36
C PRO B 296 8.73 -20.34 -1.57
N LEU B 297 7.64 -20.84 -2.13
CA LEU B 297 7.71 -21.70 -3.30
C LEU B 297 7.21 -20.96 -4.55
N ASP B 298 7.73 -21.33 -5.71
CA ASP B 298 7.26 -20.77 -6.96
C ASP B 298 6.00 -21.49 -7.44
N SER B 299 5.47 -21.08 -8.59
CA SER B 299 4.21 -21.62 -9.10
C SER B 299 4.27 -23.12 -9.36
N ALA B 300 5.44 -23.61 -9.79
CA ALA B 300 5.58 -25.02 -10.13
C ALA B 300 5.67 -25.88 -8.89
N ALA B 301 6.43 -25.43 -7.89
CA ALA B 301 6.58 -26.17 -6.65
C ALA B 301 5.28 -26.22 -5.87
N LEU B 302 4.53 -25.12 -5.89
CA LEU B 302 3.26 -25.04 -5.20
C LEU B 302 2.26 -26.04 -5.79
N LYS B 303 2.26 -26.15 -7.12
CA LYS B 303 1.38 -27.10 -7.81
C LYS B 303 1.72 -28.54 -7.41
N GLN B 304 3.00 -28.80 -7.21
CA GLN B 304 3.46 -30.14 -6.85
C GLN B 304 3.12 -30.48 -5.40
N VAL B 305 3.19 -29.49 -4.53
CA VAL B 305 2.77 -29.70 -3.15
C VAL B 305 1.28 -29.98 -3.14
N MET B 306 0.55 -29.33 -4.05
CA MET B 306 -0.89 -29.55 -4.14
C MET B 306 -1.22 -30.95 -4.67
N LYS B 307 -0.45 -31.44 -5.63
CA LYS B 307 -0.62 -32.82 -6.10
C LYS B 307 -0.41 -33.85 -5.00
N LYS B 308 0.63 -33.65 -4.21
CA LYS B 308 0.98 -34.59 -3.15
C LYS B 308 -0.09 -34.66 -2.07
N GLU B 309 -0.56 -33.51 -1.58
CA GLU B 309 -1.52 -33.47 -0.49
C GLU B 309 -2.85 -34.12 -0.87
N LYS B 310 -3.09 -34.28 -2.16
CA LYS B 310 -4.30 -34.94 -2.64
C LYS B 310 -4.29 -36.44 -2.31
N GLN B 311 -3.14 -36.93 -1.85
CA GLN B 311 -3.01 -38.31 -1.45
C GLN B 311 -2.46 -38.42 -0.03
#